data_1HO7
# 
_entry.id   1HO7 
# 
_audit_conform.dict_name       mmcif_pdbx.dic 
_audit_conform.dict_version    5.392 
_audit_conform.dict_location   http://mmcif.pdb.org/dictionaries/ascii/mmcif_pdbx.dic 
# 
loop_
_database_2.database_id 
_database_2.database_code 
_database_2.pdbx_database_accession 
_database_2.pdbx_DOI 
PDB   1HO7         pdb_00001ho7 10.2210/pdb1ho7/pdb 
RCSB  RCSB012480   ?            ?                   
WWPDB D_1000012480 ?            ?                   
# 
loop_
_pdbx_audit_revision_history.ordinal 
_pdbx_audit_revision_history.data_content_type 
_pdbx_audit_revision_history.major_revision 
_pdbx_audit_revision_history.minor_revision 
_pdbx_audit_revision_history.revision_date 
1 'Structure model' 1 0 2002-06-05 
2 'Structure model' 1 1 2008-04-27 
3 'Structure model' 1 2 2011-07-13 
4 'Structure model' 1 3 2022-02-23 
5 'Structure model' 1 4 2024-05-22 
# 
_pdbx_audit_revision_details.ordinal             1 
_pdbx_audit_revision_details.revision_ordinal    1 
_pdbx_audit_revision_details.data_content_type   'Structure model' 
_pdbx_audit_revision_details.provider            repository 
_pdbx_audit_revision_details.type                'Initial release' 
_pdbx_audit_revision_details.description         ? 
_pdbx_audit_revision_details.details             ? 
# 
loop_
_pdbx_audit_revision_group.ordinal 
_pdbx_audit_revision_group.revision_ordinal 
_pdbx_audit_revision_group.data_content_type 
_pdbx_audit_revision_group.group 
1 2 'Structure model' 'Version format compliance' 
2 3 'Structure model' 'Version format compliance' 
3 4 'Structure model' 'Database references'       
4 4 'Structure model' 'Derived calculations'      
5 5 'Structure model' 'Data collection'           
# 
loop_
_pdbx_audit_revision_category.ordinal 
_pdbx_audit_revision_category.revision_ordinal 
_pdbx_audit_revision_category.data_content_type 
_pdbx_audit_revision_category.category 
1 4 'Structure model' database_2            
2 4 'Structure model' pdbx_struct_assembly  
3 4 'Structure model' pdbx_struct_oper_list 
4 5 'Structure model' chem_comp_atom        
5 5 'Structure model' chem_comp_bond        
# 
loop_
_pdbx_audit_revision_item.ordinal 
_pdbx_audit_revision_item.revision_ordinal 
_pdbx_audit_revision_item.data_content_type 
_pdbx_audit_revision_item.item 
1 4 'Structure model' '_database_2.pdbx_DOI'                
2 4 'Structure model' '_database_2.pdbx_database_accession' 
# 
_pdbx_database_status.status_code                     REL 
_pdbx_database_status.entry_id                        1HO7 
_pdbx_database_status.recvd_initial_deposition_date   2000-12-10 
_pdbx_database_status.deposit_site                    RCSB 
_pdbx_database_status.process_site                    RCSB 
_pdbx_database_status.status_code_mr                  REL 
_pdbx_database_status.SG_entry                        . 
_pdbx_database_status.pdb_format_compatible           Y 
_pdbx_database_status.status_code_sf                  ? 
_pdbx_database_status.status_code_cs                  ? 
_pdbx_database_status.status_code_nmr_data            ? 
_pdbx_database_status.methods_development_category    ? 
# 
_pdbx_database_related.db_name        PDB 
_pdbx_database_related.db_id          1HO2 
_pdbx_database_related.details        '1HO2 contains the same peptide investigated in phospholipid micelles' 
_pdbx_database_related.content_type   unspecified 
# 
loop_
_audit_author.name 
_audit_author.pdbx_ordinal 
'Ohlenschlager, O.' 1 
'Hojo, H.'          2 
'Ramachandran, R.'  3 
'Gorlach, M.'       4 
'Haris, P.I.'       5 
# 
_citation.id                        primary 
_citation.title                     'Three-dimensional structure of the S4-S5 segment of the Shaker potassium channel.' 
_citation.journal_abbrev            Biophys.J. 
_citation.journal_volume            82 
_citation.page_first                2995 
_citation.page_last                 3002 
_citation.year                      2002 
_citation.journal_id_ASTM           BIOJAU 
_citation.country                   US 
_citation.journal_id_ISSN           0006-3495 
_citation.journal_id_CSD            0030 
_citation.book_publisher            ? 
_citation.pdbx_database_id_PubMed   12023222 
_citation.pdbx_database_id_DOI      ? 
# 
loop_
_citation_author.citation_id 
_citation_author.name 
_citation_author.ordinal 
_citation_author.identifier_ORCID 
primary 'Ohlenschlager, O.' 1 ? 
primary 'Hojo, H.'          2 ? 
primary 'Ramachandran, R.'  3 ? 
primary 'Gorlach, M.'       4 ? 
primary 'Haris, P.I.'       5 ? 
# 
_entity.id                         1 
_entity.type                       polymer 
_entity.src_method                 nat 
_entity.pdbx_description           'VOLTAGE-GATED POTASSIUM CHANNEL PROTEIN' 
_entity.formula_weight             2200.629 
_entity.pdbx_number_of_molecules   1 
_entity.pdbx_ec                    ? 
_entity.pdbx_mutation              ? 
_entity.pdbx_fragment              'L45 SEGMENT OF THE SHAKER POTASSIUM CHANNEL' 
_entity.details                    ? 
# 
_entity_poly.entity_id                      1 
_entity_poly.type                           'polypeptide(L)' 
_entity_poly.nstd_linkage                   no 
_entity_poly.nstd_monomer                   no 
_entity_poly.pdbx_seq_one_letter_code       HSKGLQILGRTLKASMRELG 
_entity_poly.pdbx_seq_one_letter_code_can   HSKGLQILGRTLKASMRELG 
_entity_poly.pdbx_strand_id                 A 
_entity_poly.pdbx_target_identifier         ? 
# 
loop_
_entity_poly_seq.entity_id 
_entity_poly_seq.num 
_entity_poly_seq.mon_id 
_entity_poly_seq.hetero 
1 1  HIS n 
1 2  SER n 
1 3  LYS n 
1 4  GLY n 
1 5  LEU n 
1 6  GLN n 
1 7  ILE n 
1 8  LEU n 
1 9  GLY n 
1 10 ARG n 
1 11 THR n 
1 12 LEU n 
1 13 LYS n 
1 14 ALA n 
1 15 SER n 
1 16 MET n 
1 17 ARG n 
1 18 GLU n 
1 19 LEU n 
1 20 GLY n 
# 
_entity_src_nat.entity_id                  1 
_entity_src_nat.pdbx_src_id                1 
_entity_src_nat.pdbx_alt_source_flag       sample 
_entity_src_nat.pdbx_beg_seq_num           ? 
_entity_src_nat.pdbx_end_seq_num           ? 
_entity_src_nat.common_name                'fruit fly' 
_entity_src_nat.pdbx_organism_scientific   'Drosophila melanogaster' 
_entity_src_nat.pdbx_ncbi_taxonomy_id      7227 
_entity_src_nat.genus                      Drosophila 
_entity_src_nat.species                    ? 
_entity_src_nat.strain                     ? 
_entity_src_nat.tissue                     ? 
_entity_src_nat.tissue_fraction            ? 
_entity_src_nat.pdbx_secretion             ? 
_entity_src_nat.pdbx_fragment              ? 
_entity_src_nat.pdbx_variant               ? 
_entity_src_nat.pdbx_cell_line             ? 
_entity_src_nat.pdbx_atcc                  ? 
_entity_src_nat.pdbx_cellular_location     ? 
_entity_src_nat.pdbx_organ                 ? 
_entity_src_nat.pdbx_organelle             ? 
_entity_src_nat.pdbx_cell                  ? 
_entity_src_nat.pdbx_plasmid_name          ? 
_entity_src_nat.pdbx_plasmid_details       ? 
_entity_src_nat.details                    ? 
# 
loop_
_chem_comp.id 
_chem_comp.type 
_chem_comp.mon_nstd_flag 
_chem_comp.name 
_chem_comp.pdbx_synonyms 
_chem_comp.formula 
_chem_comp.formula_weight 
ALA 'L-peptide linking' y ALANINE         ? 'C3 H7 N O2'     89.093  
ARG 'L-peptide linking' y ARGININE        ? 'C6 H15 N4 O2 1' 175.209 
GLN 'L-peptide linking' y GLUTAMINE       ? 'C5 H10 N2 O3'   146.144 
GLU 'L-peptide linking' y 'GLUTAMIC ACID' ? 'C5 H9 N O4'     147.129 
GLY 'peptide linking'   y GLYCINE         ? 'C2 H5 N O2'     75.067  
HIS 'L-peptide linking' y HISTIDINE       ? 'C6 H10 N3 O2 1' 156.162 
ILE 'L-peptide linking' y ISOLEUCINE      ? 'C6 H13 N O2'    131.173 
LEU 'L-peptide linking' y LEUCINE         ? 'C6 H13 N O2'    131.173 
LYS 'L-peptide linking' y LYSINE          ? 'C6 H15 N2 O2 1' 147.195 
MET 'L-peptide linking' y METHIONINE      ? 'C5 H11 N O2 S'  149.211 
SER 'L-peptide linking' y SERINE          ? 'C3 H7 N O3'     105.093 
THR 'L-peptide linking' y THREONINE       ? 'C4 H9 N O3'     119.119 
# 
loop_
_pdbx_poly_seq_scheme.asym_id 
_pdbx_poly_seq_scheme.entity_id 
_pdbx_poly_seq_scheme.seq_id 
_pdbx_poly_seq_scheme.mon_id 
_pdbx_poly_seq_scheme.ndb_seq_num 
_pdbx_poly_seq_scheme.pdb_seq_num 
_pdbx_poly_seq_scheme.auth_seq_num 
_pdbx_poly_seq_scheme.pdb_mon_id 
_pdbx_poly_seq_scheme.auth_mon_id 
_pdbx_poly_seq_scheme.pdb_strand_id 
_pdbx_poly_seq_scheme.pdb_ins_code 
_pdbx_poly_seq_scheme.hetero 
A 1 1  HIS 1  1  1  HIS HIS A . n 
A 1 2  SER 2  2  2  SER SER A . n 
A 1 3  LYS 3  3  3  LYS LYS A . n 
A 1 4  GLY 4  4  4  GLY GLY A . n 
A 1 5  LEU 5  5  5  LEU LEU A . n 
A 1 6  GLN 6  6  6  GLN GLN A . n 
A 1 7  ILE 7  7  7  ILE ILE A . n 
A 1 8  LEU 8  8  8  LEU LEU A . n 
A 1 9  GLY 9  9  9  GLY GLY A . n 
A 1 10 ARG 10 10 10 ARG ARG A . n 
A 1 11 THR 11 11 11 THR THR A . n 
A 1 12 LEU 12 12 12 LEU LEU A . n 
A 1 13 LYS 13 13 13 LYS LYS A . n 
A 1 14 ALA 14 14 14 ALA ALA A . n 
A 1 15 SER 15 15 15 SER SER A . n 
A 1 16 MET 16 16 16 MET MET A . n 
A 1 17 ARG 17 17 17 ARG ARG A . n 
A 1 18 GLU 18 18 18 GLU GLU A . n 
A 1 19 LEU 19 19 19 LEU LEU A . n 
A 1 20 GLY 20 20 20 GLY GLY A . n 
# 
_exptl.entry_id          1HO7 
_exptl.method            'SOLUTION NMR' 
_exptl.crystals_number   ? 
# 
_exptl_crystal.id                    1 
_exptl_crystal.density_meas          ? 
_exptl_crystal.density_Matthews      ? 
_exptl_crystal.density_percent_sol   ? 
_exptl_crystal.description           ? 
# 
_diffrn.id                     1 
_diffrn.ambient_temp           ? 
_diffrn.ambient_temp_details   ? 
_diffrn.crystal_id             1 
# 
_diffrn_radiation.diffrn_id                        1 
_diffrn_radiation.wavelength_id                    1 
_diffrn_radiation.pdbx_monochromatic_or_laue_m_l   M 
_diffrn_radiation.monochromator                    ? 
_diffrn_radiation.pdbx_diffrn_protocol             'SINGLE WAVELENGTH' 
_diffrn_radiation.pdbx_scattering_type             ? 
# 
_diffrn_radiation_wavelength.id           1 
_diffrn_radiation_wavelength.wavelength   . 
_diffrn_radiation_wavelength.wt           1.0 
# 
_struct.entry_id                  1HO7 
_struct.title                     'NMR STRUCTURE OF THE POTASSIUM CHANNEL FRAGMENT L45 IN TFE' 
_struct.pdbx_model_details        ? 
_struct.pdbx_CASP_flag            ? 
_struct.pdbx_model_type_details   ? 
# 
_struct_keywords.entry_id        1HO7 
_struct_keywords.pdbx_keywords   'MEMBRANE PROTEIN' 
_struct_keywords.text            'helix, MEMBRANE PROTEIN' 
# 
_struct_asym.id                            A 
_struct_asym.pdbx_blank_PDB_chainid_flag   N 
_struct_asym.pdbx_modified                 N 
_struct_asym.entity_id                     1 
_struct_asym.details                       ? 
# 
_struct_ref.id                         1 
_struct_ref.db_name                    UNP 
_struct_ref.db_code                    KCNAS_DROME 
_struct_ref.entity_id                  1 
_struct_ref.pdbx_seq_one_letter_code   HSKGLQILGRTLKASMRELG 
_struct_ref.pdbx_align_begin           378 
_struct_ref.pdbx_db_accession          P08510 
_struct_ref.pdbx_db_isoform            ? 
# 
_struct_ref_seq.align_id                      1 
_struct_ref_seq.ref_id                        1 
_struct_ref_seq.pdbx_PDB_id_code              1HO7 
_struct_ref_seq.pdbx_strand_id                A 
_struct_ref_seq.seq_align_beg                 1 
_struct_ref_seq.pdbx_seq_align_beg_ins_code   ? 
_struct_ref_seq.seq_align_end                 20 
_struct_ref_seq.pdbx_seq_align_end_ins_code   ? 
_struct_ref_seq.pdbx_db_accession             P08510 
_struct_ref_seq.db_align_beg                  378 
_struct_ref_seq.pdbx_db_align_beg_ins_code    ? 
_struct_ref_seq.db_align_end                  397 
_struct_ref_seq.pdbx_db_align_end_ins_code    ? 
_struct_ref_seq.pdbx_auth_seq_align_beg       1 
_struct_ref_seq.pdbx_auth_seq_align_end       20 
# 
_pdbx_struct_assembly.id                   1 
_pdbx_struct_assembly.details              author_defined_assembly 
_pdbx_struct_assembly.method_details       ? 
_pdbx_struct_assembly.oligomeric_details   monomeric 
_pdbx_struct_assembly.oligomeric_count     1 
# 
_pdbx_struct_assembly_gen.assembly_id       1 
_pdbx_struct_assembly_gen.oper_expression   1 
_pdbx_struct_assembly_gen.asym_id_list      A 
# 
_pdbx_struct_oper_list.id                   1 
_pdbx_struct_oper_list.type                 'identity operation' 
_pdbx_struct_oper_list.name                 1_555 
_pdbx_struct_oper_list.symmetry_operation   x,y,z 
_pdbx_struct_oper_list.matrix[1][1]         1.0000000000 
_pdbx_struct_oper_list.matrix[1][2]         0.0000000000 
_pdbx_struct_oper_list.matrix[1][3]         0.0000000000 
_pdbx_struct_oper_list.vector[1]            0.0000000000 
_pdbx_struct_oper_list.matrix[2][1]         0.0000000000 
_pdbx_struct_oper_list.matrix[2][2]         1.0000000000 
_pdbx_struct_oper_list.matrix[2][3]         0.0000000000 
_pdbx_struct_oper_list.vector[2]            0.0000000000 
_pdbx_struct_oper_list.matrix[3][1]         0.0000000000 
_pdbx_struct_oper_list.matrix[3][2]         0.0000000000 
_pdbx_struct_oper_list.matrix[3][3]         1.0000000000 
_pdbx_struct_oper_list.vector[3]            0.0000000000 
# 
_struct_biol.id   1 
# 
_struct_conf.conf_type_id            HELX_P 
_struct_conf.id                      HELX_P1 
_struct_conf.pdbx_PDB_helix_id       1 
_struct_conf.beg_label_comp_id       ARG 
_struct_conf.beg_label_asym_id       A 
_struct_conf.beg_label_seq_id        10 
_struct_conf.pdbx_beg_PDB_ins_code   ? 
_struct_conf.end_label_comp_id       LEU 
_struct_conf.end_label_asym_id       A 
_struct_conf.end_label_seq_id        19 
_struct_conf.pdbx_end_PDB_ins_code   ? 
_struct_conf.beg_auth_comp_id        ARG 
_struct_conf.beg_auth_asym_id        A 
_struct_conf.beg_auth_seq_id         10 
_struct_conf.end_auth_comp_id        LEU 
_struct_conf.end_auth_asym_id        A 
_struct_conf.end_auth_seq_id         19 
_struct_conf.pdbx_PDB_helix_class    1 
_struct_conf.details                 ? 
_struct_conf.pdbx_PDB_helix_length   10 
# 
_struct_conf_type.id          HELX_P 
_struct_conf_type.criteria    ? 
_struct_conf_type.reference   ? 
# 
loop_
_pdbx_validate_close_contact.id 
_pdbx_validate_close_contact.PDB_model_num 
_pdbx_validate_close_contact.auth_atom_id_1 
_pdbx_validate_close_contact.auth_asym_id_1 
_pdbx_validate_close_contact.auth_comp_id_1 
_pdbx_validate_close_contact.auth_seq_id_1 
_pdbx_validate_close_contact.PDB_ins_code_1 
_pdbx_validate_close_contact.label_alt_id_1 
_pdbx_validate_close_contact.auth_atom_id_2 
_pdbx_validate_close_contact.auth_asym_id_2 
_pdbx_validate_close_contact.auth_comp_id_2 
_pdbx_validate_close_contact.auth_seq_id_2 
_pdbx_validate_close_contact.PDB_ins_code_2 
_pdbx_validate_close_contact.label_alt_id_2 
_pdbx_validate_close_contact.dist 
1 1 O  A ILE 7 ? ? HG1 A THR 11 ? ? 1.48 
2 1 HG A SER 2 ? ? OE1 A GLN 6  ? ? 1.51 
# 
_pdbx_validate_torsion.id              1 
_pdbx_validate_torsion.PDB_model_num   1 
_pdbx_validate_torsion.auth_comp_id    LEU 
_pdbx_validate_torsion.auth_asym_id    A 
_pdbx_validate_torsion.auth_seq_id     8 
_pdbx_validate_torsion.PDB_ins_code    ? 
_pdbx_validate_torsion.label_alt_id    ? 
_pdbx_validate_torsion.phi             -84.43 
_pdbx_validate_torsion.psi             -95.71 
# 
_pdbx_validate_planes.id              1 
_pdbx_validate_planes.PDB_model_num   1 
_pdbx_validate_planes.auth_comp_id    ARG 
_pdbx_validate_planes.auth_asym_id    A 
_pdbx_validate_planes.auth_seq_id     10 
_pdbx_validate_planes.PDB_ins_code    ? 
_pdbx_validate_planes.label_alt_id    ? 
_pdbx_validate_planes.rmsd            0.081 
_pdbx_validate_planes.type            'SIDE CHAIN' 
# 
_pdbx_nmr_ensemble.entry_id                                      1HO7 
_pdbx_nmr_ensemble.conformers_calculated_total_number            100 
_pdbx_nmr_ensemble.conformers_submitted_total_number             1 
_pdbx_nmr_ensemble.conformer_selection_criteria                  'closest to average structure' 
_pdbx_nmr_ensemble.average_constraints_per_residue               ? 
_pdbx_nmr_ensemble.average_constraint_violations_per_residue     ? 
_pdbx_nmr_ensemble.maximum_distance_constraint_violation         ? 
_pdbx_nmr_ensemble.average_distance_constraint_violation         ? 
_pdbx_nmr_ensemble.maximum_upper_distance_constraint_violation   ? 
_pdbx_nmr_ensemble.maximum_lower_distance_constraint_violation   ? 
_pdbx_nmr_ensemble.distance_constraint_violation_method          ? 
_pdbx_nmr_ensemble.maximum_torsion_angle_constraint_violation    ? 
_pdbx_nmr_ensemble.average_torsion_angle_constraint_violation    ? 
_pdbx_nmr_ensemble.torsion_angle_constraint_violation_method     ? 
# 
_pdbx_nmr_representative.entry_id             1HO7 
_pdbx_nmr_representative.conformer_id         1 
_pdbx_nmr_representative.selection_criteria   'closest to the average' 
# 
_pdbx_nmr_sample_details.solution_id      1 
_pdbx_nmr_sample_details.contents         '2mM NA-L45' 
_pdbx_nmr_sample_details.solvent_system   'TFE:H2O ratio of 80:20 with 9% D2O' 
# 
_pdbx_nmr_exptl_sample_conditions.conditions_id       1 
_pdbx_nmr_exptl_sample_conditions.temperature         300 
_pdbx_nmr_exptl_sample_conditions.pressure            ambient 
_pdbx_nmr_exptl_sample_conditions.pH                  2.7 
_pdbx_nmr_exptl_sample_conditions.ionic_strength      0 
_pdbx_nmr_exptl_sample_conditions.pressure_units      ? 
_pdbx_nmr_exptl_sample_conditions.temperature_units   K 
# 
loop_
_pdbx_nmr_exptl.experiment_id 
_pdbx_nmr_exptl.solution_id 
_pdbx_nmr_exptl.conditions_id 
_pdbx_nmr_exptl.type 
1 1 1 DQF-COSY 
2 1 1 TOCSY    
3 1 1 NOESY    
# 
_pdbx_nmr_details.entry_id   1HO7 
_pdbx_nmr_details.text       'This structure was determined using standard 2D homonuclear techniques.' 
# 
_pdbx_nmr_refine.entry_id           1HO7 
_pdbx_nmr_refine.method             'Hybrid distance geometry/simulated annealing' 
_pdbx_nmr_refine.details            ? 
_pdbx_nmr_refine.software_ordinal   1 
# 
loop_
_pdbx_nmr_software.name 
_pdbx_nmr_software.version 
_pdbx_nmr_software.classification 
_pdbx_nmr_software.authors 
_pdbx_nmr_software.ordinal 
DYANA 1.5 'structure solution' 'Guentert et al.' 1 
DYANA 1.5 refinement           'Guentert et al.' 2 
# 
loop_
_chem_comp_atom.comp_id 
_chem_comp_atom.atom_id 
_chem_comp_atom.type_symbol 
_chem_comp_atom.pdbx_aromatic_flag 
_chem_comp_atom.pdbx_stereo_config 
_chem_comp_atom.pdbx_ordinal 
ALA N    N N N 1   
ALA CA   C N S 2   
ALA C    C N N 3   
ALA O    O N N 4   
ALA CB   C N N 5   
ALA OXT  O N N 6   
ALA H    H N N 7   
ALA H2   H N N 8   
ALA HA   H N N 9   
ALA HB1  H N N 10  
ALA HB2  H N N 11  
ALA HB3  H N N 12  
ALA HXT  H N N 13  
ARG N    N N N 14  
ARG CA   C N S 15  
ARG C    C N N 16  
ARG O    O N N 17  
ARG CB   C N N 18  
ARG CG   C N N 19  
ARG CD   C N N 20  
ARG NE   N N N 21  
ARG CZ   C N N 22  
ARG NH1  N N N 23  
ARG NH2  N N N 24  
ARG OXT  O N N 25  
ARG H    H N N 26  
ARG H2   H N N 27  
ARG HA   H N N 28  
ARG HB2  H N N 29  
ARG HB3  H N N 30  
ARG HG2  H N N 31  
ARG HG3  H N N 32  
ARG HD2  H N N 33  
ARG HD3  H N N 34  
ARG HE   H N N 35  
ARG HH11 H N N 36  
ARG HH12 H N N 37  
ARG HH21 H N N 38  
ARG HH22 H N N 39  
ARG HXT  H N N 40  
GLN N    N N N 41  
GLN CA   C N S 42  
GLN C    C N N 43  
GLN O    O N N 44  
GLN CB   C N N 45  
GLN CG   C N N 46  
GLN CD   C N N 47  
GLN OE1  O N N 48  
GLN NE2  N N N 49  
GLN OXT  O N N 50  
GLN H    H N N 51  
GLN H2   H N N 52  
GLN HA   H N N 53  
GLN HB2  H N N 54  
GLN HB3  H N N 55  
GLN HG2  H N N 56  
GLN HG3  H N N 57  
GLN HE21 H N N 58  
GLN HE22 H N N 59  
GLN HXT  H N N 60  
GLU N    N N N 61  
GLU CA   C N S 62  
GLU C    C N N 63  
GLU O    O N N 64  
GLU CB   C N N 65  
GLU CG   C N N 66  
GLU CD   C N N 67  
GLU OE1  O N N 68  
GLU OE2  O N N 69  
GLU OXT  O N N 70  
GLU H    H N N 71  
GLU H2   H N N 72  
GLU HA   H N N 73  
GLU HB2  H N N 74  
GLU HB3  H N N 75  
GLU HG2  H N N 76  
GLU HG3  H N N 77  
GLU HE2  H N N 78  
GLU HXT  H N N 79  
GLY N    N N N 80  
GLY CA   C N N 81  
GLY C    C N N 82  
GLY O    O N N 83  
GLY OXT  O N N 84  
GLY H    H N N 85  
GLY H2   H N N 86  
GLY HA2  H N N 87  
GLY HA3  H N N 88  
GLY HXT  H N N 89  
HIS N    N N N 90  
HIS CA   C N S 91  
HIS C    C N N 92  
HIS O    O N N 93  
HIS CB   C N N 94  
HIS CG   C Y N 95  
HIS ND1  N Y N 96  
HIS CD2  C Y N 97  
HIS CE1  C Y N 98  
HIS NE2  N Y N 99  
HIS OXT  O N N 100 
HIS H    H N N 101 
HIS H2   H N N 102 
HIS HA   H N N 103 
HIS HB2  H N N 104 
HIS HB3  H N N 105 
HIS HD1  H N N 106 
HIS HD2  H N N 107 
HIS HE1  H N N 108 
HIS HE2  H N N 109 
HIS HXT  H N N 110 
ILE N    N N N 111 
ILE CA   C N S 112 
ILE C    C N N 113 
ILE O    O N N 114 
ILE CB   C N S 115 
ILE CG1  C N N 116 
ILE CG2  C N N 117 
ILE CD1  C N N 118 
ILE OXT  O N N 119 
ILE H    H N N 120 
ILE H2   H N N 121 
ILE HA   H N N 122 
ILE HB   H N N 123 
ILE HG12 H N N 124 
ILE HG13 H N N 125 
ILE HG21 H N N 126 
ILE HG22 H N N 127 
ILE HG23 H N N 128 
ILE HD11 H N N 129 
ILE HD12 H N N 130 
ILE HD13 H N N 131 
ILE HXT  H N N 132 
LEU N    N N N 133 
LEU CA   C N S 134 
LEU C    C N N 135 
LEU O    O N N 136 
LEU CB   C N N 137 
LEU CG   C N N 138 
LEU CD1  C N N 139 
LEU CD2  C N N 140 
LEU OXT  O N N 141 
LEU H    H N N 142 
LEU H2   H N N 143 
LEU HA   H N N 144 
LEU HB2  H N N 145 
LEU HB3  H N N 146 
LEU HG   H N N 147 
LEU HD11 H N N 148 
LEU HD12 H N N 149 
LEU HD13 H N N 150 
LEU HD21 H N N 151 
LEU HD22 H N N 152 
LEU HD23 H N N 153 
LEU HXT  H N N 154 
LYS N    N N N 155 
LYS CA   C N S 156 
LYS C    C N N 157 
LYS O    O N N 158 
LYS CB   C N N 159 
LYS CG   C N N 160 
LYS CD   C N N 161 
LYS CE   C N N 162 
LYS NZ   N N N 163 
LYS OXT  O N N 164 
LYS H    H N N 165 
LYS H2   H N N 166 
LYS HA   H N N 167 
LYS HB2  H N N 168 
LYS HB3  H N N 169 
LYS HG2  H N N 170 
LYS HG3  H N N 171 
LYS HD2  H N N 172 
LYS HD3  H N N 173 
LYS HE2  H N N 174 
LYS HE3  H N N 175 
LYS HZ1  H N N 176 
LYS HZ2  H N N 177 
LYS HZ3  H N N 178 
LYS HXT  H N N 179 
MET N    N N N 180 
MET CA   C N S 181 
MET C    C N N 182 
MET O    O N N 183 
MET CB   C N N 184 
MET CG   C N N 185 
MET SD   S N N 186 
MET CE   C N N 187 
MET OXT  O N N 188 
MET H    H N N 189 
MET H2   H N N 190 
MET HA   H N N 191 
MET HB2  H N N 192 
MET HB3  H N N 193 
MET HG2  H N N 194 
MET HG3  H N N 195 
MET HE1  H N N 196 
MET HE2  H N N 197 
MET HE3  H N N 198 
MET HXT  H N N 199 
SER N    N N N 200 
SER CA   C N S 201 
SER C    C N N 202 
SER O    O N N 203 
SER CB   C N N 204 
SER OG   O N N 205 
SER OXT  O N N 206 
SER H    H N N 207 
SER H2   H N N 208 
SER HA   H N N 209 
SER HB2  H N N 210 
SER HB3  H N N 211 
SER HG   H N N 212 
SER HXT  H N N 213 
THR N    N N N 214 
THR CA   C N S 215 
THR C    C N N 216 
THR O    O N N 217 
THR CB   C N R 218 
THR OG1  O N N 219 
THR CG2  C N N 220 
THR OXT  O N N 221 
THR H    H N N 222 
THR H2   H N N 223 
THR HA   H N N 224 
THR HB   H N N 225 
THR HG1  H N N 226 
THR HG21 H N N 227 
THR HG22 H N N 228 
THR HG23 H N N 229 
THR HXT  H N N 230 
# 
loop_
_chem_comp_bond.comp_id 
_chem_comp_bond.atom_id_1 
_chem_comp_bond.atom_id_2 
_chem_comp_bond.value_order 
_chem_comp_bond.pdbx_aromatic_flag 
_chem_comp_bond.pdbx_stereo_config 
_chem_comp_bond.pdbx_ordinal 
ALA N   CA   sing N N 1   
ALA N   H    sing N N 2   
ALA N   H2   sing N N 3   
ALA CA  C    sing N N 4   
ALA CA  CB   sing N N 5   
ALA CA  HA   sing N N 6   
ALA C   O    doub N N 7   
ALA C   OXT  sing N N 8   
ALA CB  HB1  sing N N 9   
ALA CB  HB2  sing N N 10  
ALA CB  HB3  sing N N 11  
ALA OXT HXT  sing N N 12  
ARG N   CA   sing N N 13  
ARG N   H    sing N N 14  
ARG N   H2   sing N N 15  
ARG CA  C    sing N N 16  
ARG CA  CB   sing N N 17  
ARG CA  HA   sing N N 18  
ARG C   O    doub N N 19  
ARG C   OXT  sing N N 20  
ARG CB  CG   sing N N 21  
ARG CB  HB2  sing N N 22  
ARG CB  HB3  sing N N 23  
ARG CG  CD   sing N N 24  
ARG CG  HG2  sing N N 25  
ARG CG  HG3  sing N N 26  
ARG CD  NE   sing N N 27  
ARG CD  HD2  sing N N 28  
ARG CD  HD3  sing N N 29  
ARG NE  CZ   sing N N 30  
ARG NE  HE   sing N N 31  
ARG CZ  NH1  sing N N 32  
ARG CZ  NH2  doub N N 33  
ARG NH1 HH11 sing N N 34  
ARG NH1 HH12 sing N N 35  
ARG NH2 HH21 sing N N 36  
ARG NH2 HH22 sing N N 37  
ARG OXT HXT  sing N N 38  
GLN N   CA   sing N N 39  
GLN N   H    sing N N 40  
GLN N   H2   sing N N 41  
GLN CA  C    sing N N 42  
GLN CA  CB   sing N N 43  
GLN CA  HA   sing N N 44  
GLN C   O    doub N N 45  
GLN C   OXT  sing N N 46  
GLN CB  CG   sing N N 47  
GLN CB  HB2  sing N N 48  
GLN CB  HB3  sing N N 49  
GLN CG  CD   sing N N 50  
GLN CG  HG2  sing N N 51  
GLN CG  HG3  sing N N 52  
GLN CD  OE1  doub N N 53  
GLN CD  NE2  sing N N 54  
GLN NE2 HE21 sing N N 55  
GLN NE2 HE22 sing N N 56  
GLN OXT HXT  sing N N 57  
GLU N   CA   sing N N 58  
GLU N   H    sing N N 59  
GLU N   H2   sing N N 60  
GLU CA  C    sing N N 61  
GLU CA  CB   sing N N 62  
GLU CA  HA   sing N N 63  
GLU C   O    doub N N 64  
GLU C   OXT  sing N N 65  
GLU CB  CG   sing N N 66  
GLU CB  HB2  sing N N 67  
GLU CB  HB3  sing N N 68  
GLU CG  CD   sing N N 69  
GLU CG  HG2  sing N N 70  
GLU CG  HG3  sing N N 71  
GLU CD  OE1  doub N N 72  
GLU CD  OE2  sing N N 73  
GLU OE2 HE2  sing N N 74  
GLU OXT HXT  sing N N 75  
GLY N   CA   sing N N 76  
GLY N   H    sing N N 77  
GLY N   H2   sing N N 78  
GLY CA  C    sing N N 79  
GLY CA  HA2  sing N N 80  
GLY CA  HA3  sing N N 81  
GLY C   O    doub N N 82  
GLY C   OXT  sing N N 83  
GLY OXT HXT  sing N N 84  
HIS N   CA   sing N N 85  
HIS N   H    sing N N 86  
HIS N   H2   sing N N 87  
HIS CA  C    sing N N 88  
HIS CA  CB   sing N N 89  
HIS CA  HA   sing N N 90  
HIS C   O    doub N N 91  
HIS C   OXT  sing N N 92  
HIS CB  CG   sing N N 93  
HIS CB  HB2  sing N N 94  
HIS CB  HB3  sing N N 95  
HIS CG  ND1  sing Y N 96  
HIS CG  CD2  doub Y N 97  
HIS ND1 CE1  doub Y N 98  
HIS ND1 HD1  sing N N 99  
HIS CD2 NE2  sing Y N 100 
HIS CD2 HD2  sing N N 101 
HIS CE1 NE2  sing Y N 102 
HIS CE1 HE1  sing N N 103 
HIS NE2 HE2  sing N N 104 
HIS OXT HXT  sing N N 105 
ILE N   CA   sing N N 106 
ILE N   H    sing N N 107 
ILE N   H2   sing N N 108 
ILE CA  C    sing N N 109 
ILE CA  CB   sing N N 110 
ILE CA  HA   sing N N 111 
ILE C   O    doub N N 112 
ILE C   OXT  sing N N 113 
ILE CB  CG1  sing N N 114 
ILE CB  CG2  sing N N 115 
ILE CB  HB   sing N N 116 
ILE CG1 CD1  sing N N 117 
ILE CG1 HG12 sing N N 118 
ILE CG1 HG13 sing N N 119 
ILE CG2 HG21 sing N N 120 
ILE CG2 HG22 sing N N 121 
ILE CG2 HG23 sing N N 122 
ILE CD1 HD11 sing N N 123 
ILE CD1 HD12 sing N N 124 
ILE CD1 HD13 sing N N 125 
ILE OXT HXT  sing N N 126 
LEU N   CA   sing N N 127 
LEU N   H    sing N N 128 
LEU N   H2   sing N N 129 
LEU CA  C    sing N N 130 
LEU CA  CB   sing N N 131 
LEU CA  HA   sing N N 132 
LEU C   O    doub N N 133 
LEU C   OXT  sing N N 134 
LEU CB  CG   sing N N 135 
LEU CB  HB2  sing N N 136 
LEU CB  HB3  sing N N 137 
LEU CG  CD1  sing N N 138 
LEU CG  CD2  sing N N 139 
LEU CG  HG   sing N N 140 
LEU CD1 HD11 sing N N 141 
LEU CD1 HD12 sing N N 142 
LEU CD1 HD13 sing N N 143 
LEU CD2 HD21 sing N N 144 
LEU CD2 HD22 sing N N 145 
LEU CD2 HD23 sing N N 146 
LEU OXT HXT  sing N N 147 
LYS N   CA   sing N N 148 
LYS N   H    sing N N 149 
LYS N   H2   sing N N 150 
LYS CA  C    sing N N 151 
LYS CA  CB   sing N N 152 
LYS CA  HA   sing N N 153 
LYS C   O    doub N N 154 
LYS C   OXT  sing N N 155 
LYS CB  CG   sing N N 156 
LYS CB  HB2  sing N N 157 
LYS CB  HB3  sing N N 158 
LYS CG  CD   sing N N 159 
LYS CG  HG2  sing N N 160 
LYS CG  HG3  sing N N 161 
LYS CD  CE   sing N N 162 
LYS CD  HD2  sing N N 163 
LYS CD  HD3  sing N N 164 
LYS CE  NZ   sing N N 165 
LYS CE  HE2  sing N N 166 
LYS CE  HE3  sing N N 167 
LYS NZ  HZ1  sing N N 168 
LYS NZ  HZ2  sing N N 169 
LYS NZ  HZ3  sing N N 170 
LYS OXT HXT  sing N N 171 
MET N   CA   sing N N 172 
MET N   H    sing N N 173 
MET N   H2   sing N N 174 
MET CA  C    sing N N 175 
MET CA  CB   sing N N 176 
MET CA  HA   sing N N 177 
MET C   O    doub N N 178 
MET C   OXT  sing N N 179 
MET CB  CG   sing N N 180 
MET CB  HB2  sing N N 181 
MET CB  HB3  sing N N 182 
MET CG  SD   sing N N 183 
MET CG  HG2  sing N N 184 
MET CG  HG3  sing N N 185 
MET SD  CE   sing N N 186 
MET CE  HE1  sing N N 187 
MET CE  HE2  sing N N 188 
MET CE  HE3  sing N N 189 
MET OXT HXT  sing N N 190 
SER N   CA   sing N N 191 
SER N   H    sing N N 192 
SER N   H2   sing N N 193 
SER CA  C    sing N N 194 
SER CA  CB   sing N N 195 
SER CA  HA   sing N N 196 
SER C   O    doub N N 197 
SER C   OXT  sing N N 198 
SER CB  OG   sing N N 199 
SER CB  HB2  sing N N 200 
SER CB  HB3  sing N N 201 
SER OG  HG   sing N N 202 
SER OXT HXT  sing N N 203 
THR N   CA   sing N N 204 
THR N   H    sing N N 205 
THR N   H2   sing N N 206 
THR CA  C    sing N N 207 
THR CA  CB   sing N N 208 
THR CA  HA   sing N N 209 
THR C   O    doub N N 210 
THR C   OXT  sing N N 211 
THR CB  OG1  sing N N 212 
THR CB  CG2  sing N N 213 
THR CB  HB   sing N N 214 
THR OG1 HG1  sing N N 215 
THR CG2 HG21 sing N N 216 
THR CG2 HG22 sing N N 217 
THR CG2 HG23 sing N N 218 
THR OXT HXT  sing N N 219 
# 
loop_
_pdbx_nmr_spectrometer.spectrometer_id 
_pdbx_nmr_spectrometer.type 
_pdbx_nmr_spectrometer.manufacturer 
_pdbx_nmr_spectrometer.model 
_pdbx_nmr_spectrometer.field_strength 
1 ? Varian INOVA 600 
2 ? Varian INOVA 750 
# 
_atom_sites.entry_id                    1HO7 
_atom_sites.fract_transf_matrix[1][1]   1.000000 
_atom_sites.fract_transf_matrix[1][2]   0.000000 
_atom_sites.fract_transf_matrix[1][3]   0.000000 
_atom_sites.fract_transf_matrix[2][1]   0.000000 
_atom_sites.fract_transf_matrix[2][2]   1.000000 
_atom_sites.fract_transf_matrix[2][3]   0.000000 
_atom_sites.fract_transf_matrix[3][1]   0.000000 
_atom_sites.fract_transf_matrix[3][2]   0.000000 
_atom_sites.fract_transf_matrix[3][3]   1.000000 
_atom_sites.fract_transf_vector[1]      0.00000 
_atom_sites.fract_transf_vector[2]      0.00000 
_atom_sites.fract_transf_vector[3]      0.00000 
# 
loop_
_atom_type.symbol 
C 
H 
N 
O 
S 
# 
loop_
_atom_site.group_PDB 
_atom_site.id 
_atom_site.type_symbol 
_atom_site.label_atom_id 
_atom_site.label_alt_id 
_atom_site.label_comp_id 
_atom_site.label_asym_id 
_atom_site.label_entity_id 
_atom_site.label_seq_id 
_atom_site.pdbx_PDB_ins_code 
_atom_site.Cartn_x 
_atom_site.Cartn_y 
_atom_site.Cartn_z 
_atom_site.occupancy 
_atom_site.B_iso_or_equiv 
_atom_site.pdbx_formal_charge 
_atom_site.auth_seq_id 
_atom_site.auth_comp_id 
_atom_site.auth_asym_id 
_atom_site.auth_atom_id 
_atom_site.pdbx_PDB_model_num 
ATOM 1   N N    . HIS A 1 1  ? -13.812 -1.874 6.754   1.00 0.00 ? 1  HIS A N    1 
ATOM 2   C CA   . HIS A 1 1  ? -14.003 -1.042 5.551   1.00 0.00 ? 1  HIS A CA   1 
ATOM 3   C C    . HIS A 1 1  ? -12.652 -0.881 4.875   1.00 0.00 ? 1  HIS A C    1 
ATOM 4   O O    . HIS A 1 1  ? -11.645 -0.768 5.572   1.00 0.00 ? 1  HIS A O    1 
ATOM 5   C CB   . HIS A 1 1  ? -14.613 0.325  5.885   1.00 0.00 ? 1  HIS A CB   1 
ATOM 6   C CG   . HIS A 1 1  ? -15.917 0.213  6.631   1.00 0.00 ? 1  HIS A CG   1 
ATOM 7   N ND1  . HIS A 1 1  ? -17.128 -0.192 6.109   1.00 0.00 ? 1  HIS A ND1  1 
ATOM 8   C CD2  . HIS A 1 1  ? -16.097 0.454  7.970   1.00 0.00 ? 1  HIS A CD2  1 
ATOM 9   C CE1  . HIS A 1 1  ? -18.014 -0.204 7.122   1.00 0.00 ? 1  HIS A CE1  1 
ATOM 10  N NE2  . HIS A 1 1  ? -17.429 0.173  8.268   1.00 0.00 ? 1  HIS A NE2  1 
ATOM 11  H H1   . HIS A 1 1  ? -13.362 -2.735 6.476   1.00 0.00 ? 1  HIS A H1   1 
ATOM 12  H H2   . HIS A 1 1  ? -13.191 -1.389 7.388   1.00 0.00 ? 1  HIS A H2   1 
ATOM 13  H H3   . HIS A 1 1  ? -14.699 -2.055 7.202   1.00 0.00 ? 1  HIS A H3   1 
ATOM 14  H HA   . HIS A 1 1  ? -14.676 -1.568 4.874   1.00 0.00 ? 1  HIS A HA   1 
ATOM 15  H HB2  . HIS A 1 1  ? -13.906 0.897  6.489   1.00 0.00 ? 1  HIS A HB2  1 
ATOM 16  H HB3  . HIS A 1 1  ? -14.784 0.872  4.957   1.00 0.00 ? 1  HIS A HB3  1 
ATOM 17  H HD1  . HIS A 1 1  ? -17.357 -0.398 5.146   1.00 0.00 ? 1  HIS A HD1  1 
ATOM 18  H HD2  . HIS A 1 1  ? -15.350 0.786  8.676   1.00 0.00 ? 1  HIS A HD2  1 
ATOM 19  H HE1  . HIS A 1 1  ? -19.059 -0.471 7.031   1.00 0.00 ? 1  HIS A HE1  1 
ATOM 20  N N    . SER A 1 2  ? -12.612 -0.904 3.542   1.00 0.00 ? 2  SER A N    1 
ATOM 21  C CA   . SER A 1 2  ? -11.357 -0.961 2.804   1.00 0.00 ? 2  SER A CA   1 
ATOM 22  C C    . SER A 1 2  ? -10.513 0.313  2.942   1.00 0.00 ? 2  SER A C    1 
ATOM 23  O O    . SER A 1 2  ? -9.309  0.268  2.703   1.00 0.00 ? 2  SER A O    1 
ATOM 24  C CB   . SER A 1 2  ? -11.677 -1.237 1.332   1.00 0.00 ? 2  SER A CB   1 
ATOM 25  O OG   . SER A 1 2  ? -12.596 -0.273 0.852   1.00 0.00 ? 2  SER A OG   1 
ATOM 26  H H    . SER A 1 2  ? -13.440 -0.939 2.958   1.00 0.00 ? 2  SER A H    1 
ATOM 27  H HA   . SER A 1 2  ? -10.785 -1.800 3.200   1.00 0.00 ? 2  SER A HA   1 
ATOM 28  H HB2  . SER A 1 2  ? -10.762 -1.201 0.740   1.00 0.00 ? 2  SER A HB2  1 
ATOM 29  H HB3  . SER A 1 2  ? -12.120 -2.228 1.240   1.00 0.00 ? 2  SER A HB3  1 
ATOM 30  H HG   . SER A 1 2  ? -12.057 0.495  0.504   1.00 0.00 ? 2  SER A HG   1 
ATOM 31  N N    . LYS A 1 3  ? -11.126 1.437  3.343   1.00 0.00 ? 3  LYS A N    1 
ATOM 32  C CA   . LYS A 1 3  ? -10.546 2.781  3.293   1.00 0.00 ? 3  LYS A CA   1 
ATOM 33  C C    . LYS A 1 3  ? -9.296  2.991  4.158   1.00 0.00 ? 3  LYS A C    1 
ATOM 34  O O    . LYS A 1 3  ? -8.675  4.043  4.044   1.00 0.00 ? 3  LYS A O    1 
ATOM 35  C CB   . LYS A 1 3  ? -11.621 3.838  3.603   1.00 0.00 ? 3  LYS A CB   1 
ATOM 36  C CG   . LYS A 1 3  ? -12.756 3.827  2.560   1.00 0.00 ? 3  LYS A CG   1 
ATOM 37  C CD   . LYS A 1 3  ? -13.650 5.080  2.572   1.00 0.00 ? 3  LYS A CD   1 
ATOM 38  C CE   . LYS A 1 3  ? -14.557 5.217  3.804   1.00 0.00 ? 3  LYS A CE   1 
ATOM 39  N NZ   . LYS A 1 3  ? -13.825 5.646  5.013   1.00 0.00 ? 3  LYS A NZ   1 
ATOM 40  H H    . LYS A 1 3  ? -12.118 1.371  3.503   1.00 0.00 ? 3  LYS A H    1 
ATOM 41  H HA   . LYS A 1 3  ? -10.221 2.944  2.271   1.00 0.00 ? 3  LYS A HA   1 
ATOM 42  H HB2  . LYS A 1 3  ? -12.027 3.662  4.600   1.00 0.00 ? 3  LYS A HB2  1 
ATOM 43  H HB3  . LYS A 1 3  ? -11.150 4.823  3.587   1.00 0.00 ? 3  LYS A HB3  1 
ATOM 44  H HG2  . LYS A 1 3  ? -12.306 3.765  1.569   1.00 0.00 ? 3  LYS A HG2  1 
ATOM 45  H HG3  . LYS A 1 3  ? -13.376 2.941  2.702   1.00 0.00 ? 3  LYS A HG3  1 
ATOM 46  H HD2  . LYS A 1 3  ? -13.037 5.975  2.458   1.00 0.00 ? 3  LYS A HD2  1 
ATOM 47  H HD3  . LYS A 1 3  ? -14.300 5.019  1.697   1.00 0.00 ? 3  LYS A HD3  1 
ATOM 48  H HE2  . LYS A 1 3  ? -15.327 5.959  3.580   1.00 0.00 ? 3  LYS A HE2  1 
ATOM 49  H HE3  . LYS A 1 3  ? -15.052 4.262  3.990   1.00 0.00 ? 3  LYS A HE3  1 
ATOM 50  H HZ1  . LYS A 1 3  ? -13.373 6.538  4.852   1.00 0.00 ? 3  LYS A HZ1  1 
ATOM 51  H HZ2  . LYS A 1 3  ? -14.462 5.741  5.793   1.00 0.00 ? 3  LYS A HZ2  1 
ATOM 52  N N    . GLY A 1 4  ? -8.894  2.013  4.974   1.00 0.00 ? 4  GLY A N    1 
ATOM 53  C CA   . GLY A 1 4  ? -7.580  1.995  5.590   1.00 0.00 ? 4  GLY A CA   1 
ATOM 54  C C    . GLY A 1 4  ? -6.607  1.362  4.605   1.00 0.00 ? 4  GLY A C    1 
ATOM 55  O O    . GLY A 1 4  ? -5.807  2.047  3.972   1.00 0.00 ? 4  GLY A O    1 
ATOM 56  H H    . GLY A 1 4  ? -9.392  1.138  4.939   1.00 0.00 ? 4  GLY A H    1 
ATOM 57  H HA2  . GLY A 1 4  ? -7.255  3.009  5.825   1.00 0.00 ? 4  GLY A HA2  1 
ATOM 58  H HA3  . GLY A 1 4  ? -7.608  1.411  6.511   1.00 0.00 ? 4  GLY A HA3  1 
ATOM 59  N N    . LEU A 1 5  ? -6.679  0.037  4.454   1.00 0.00 ? 5  LEU A N    1 
ATOM 60  C CA   . LEU A 1 5  ? -5.696  -0.702 3.675   1.00 0.00 ? 5  LEU A CA   1 
ATOM 61  C C    . LEU A 1 5  ? -5.671  -0.387 2.176   1.00 0.00 ? 5  LEU A C    1 
ATOM 62  O O    . LEU A 1 5  ? -4.605  -0.518 1.580   1.00 0.00 ? 5  LEU A O    1 
ATOM 63  C CB   . LEU A 1 5  ? -5.742  -2.206 3.957   1.00 0.00 ? 5  LEU A CB   1 
ATOM 64  C CG   . LEU A 1 5  ? -6.956  -2.953 3.369   1.00 0.00 ? 5  LEU A CG   1 
ATOM 65  C CD1  . LEU A 1 5  ? -6.642  -4.448 3.271   1.00 0.00 ? 5  LEU A CD1  1 
ATOM 66  C CD2  . LEU A 1 5  ? -8.235  -2.770 4.201   1.00 0.00 ? 5  LEU A CD2  1 
ATOM 67  H H    . LEU A 1 5  ? -7.359  -0.489 4.982   1.00 0.00 ? 5  LEU A H    1 
ATOM 68  H HA   . LEU A 1 5  ? -4.741  -0.376 4.054   1.00 0.00 ? 5  LEU A HA   1 
ATOM 69  H HB2  . LEU A 1 5  ? -4.828  -2.613 3.519   1.00 0.00 ? 5  LEU A HB2  1 
ATOM 70  H HB3  . LEU A 1 5  ? -5.678  -2.365 5.034   1.00 0.00 ? 5  LEU A HB3  1 
ATOM 71  H HG   . LEU A 1 5  ? -7.137  -2.585 2.362   1.00 0.00 ? 5  LEU A HG   1 
ATOM 72  H HD11 . LEU A 1 5  ? -7.485  -4.981 2.831   1.00 0.00 ? 5  LEU A HD11 1 
ATOM 73  H HD12 . LEU A 1 5  ? -5.771  -4.605 2.634   1.00 0.00 ? 5  LEU A HD12 1 
ATOM 74  H HD13 . LEU A 1 5  ? -6.437  -4.857 4.262   1.00 0.00 ? 5  LEU A HD13 1 
ATOM 75  H HD21 . LEU A 1 5  ? -9.030  -3.396 3.791   1.00 0.00 ? 5  LEU A HD21 1 
ATOM 76  H HD22 . LEU A 1 5  ? -8.058  -3.065 5.236   1.00 0.00 ? 5  LEU A HD22 1 
ATOM 77  H HD23 . LEU A 1 5  ? -8.573  -1.739 4.166   1.00 0.00 ? 5  LEU A HD23 1 
ATOM 78  N N    . GLN A 1 6  ? -6.759  0.092  1.559   1.00 0.00 ? 6  GLN A N    1 
ATOM 79  C CA   . GLN A 1 6  ? -6.683  0.533  0.163   1.00 0.00 ? 6  GLN A CA   1 
ATOM 80  C C    . GLN A 1 6  ? -5.786  1.773  0.011   1.00 0.00 ? 6  GLN A C    1 
ATOM 81  O O    . GLN A 1 6  ? -5.339  2.060  -1.102  1.00 0.00 ? 6  GLN A O    1 
ATOM 82  C CB   . GLN A 1 6  ? -8.084  0.744  -0.443  1.00 0.00 ? 6  GLN A CB   1 
ATOM 83  C CG   . GLN A 1 6  ? -8.747  2.074  -0.064  1.00 0.00 ? 6  GLN A CG   1 
ATOM 84  C CD   . GLN A 1 6  ? -10.199 2.137  -0.541  1.00 0.00 ? 6  GLN A CD   1 
ATOM 85  O OE1  . GLN A 1 6  ? -11.099 1.576  0.080   1.00 0.00 ? 6  GLN A OE1  1 
ATOM 86  N NE2  . GLN A 1 6  ? -10.463 2.815  -1.650  1.00 0.00 ? 6  GLN A NE2  1 
ATOM 87  H H    . GLN A 1 6  ? -7.640  0.180  2.062   1.00 0.00 ? 6  GLN A H    1 
ATOM 88  H HA   . GLN A 1 6  ? -6.217  -0.275 -0.402  1.00 0.00 ? 6  GLN A HA   1 
ATOM 89  H HB2  . GLN A 1 6  ? -7.996  0.710  -1.529  1.00 0.00 ? 6  GLN A HB2  1 
ATOM 90  H HB3  . GLN A 1 6  ? -8.728  -0.083 -0.138  1.00 0.00 ? 6  GLN A HB3  1 
ATOM 91  H HG2  . GLN A 1 6  ? -8.713  2.187  1.016   1.00 0.00 ? 6  GLN A HG2  1 
ATOM 92  H HG3  . GLN A 1 6  ? -8.188  2.899  -0.505  1.00 0.00 ? 6  GLN A HG3  1 
ATOM 93  H HE21 . GLN A 1 6  ? -9.733  3.280  -2.167  1.00 0.00 ? 6  GLN A HE21 1 
ATOM 94  H HE22 . GLN A 1 6  ? -11.420 2.846  -1.966  1.00 0.00 ? 6  GLN A HE22 1 
ATOM 95  N N    . ILE A 1 7  ? -5.499  2.479  1.116   1.00 0.00 ? 7  ILE A N    1 
ATOM 96  C CA   . ILE A 1 7  ? -4.605  3.627  1.181   1.00 0.00 ? 7  ILE A CA   1 
ATOM 97  C C    . ILE A 1 7  ? -3.260  3.197  1.774   1.00 0.00 ? 7  ILE A C    1 
ATOM 98  O O    . ILE A 1 7  ? -2.229  3.644  1.279   1.00 0.00 ? 7  ILE A O    1 
ATOM 99  C CB   . ILE A 1 7  ? -5.258  4.787  1.982   1.00 0.00 ? 7  ILE A CB   1 
ATOM 100 C CG1  . ILE A 1 7  ? -6.656  5.136  1.413   1.00 0.00 ? 7  ILE A CG1  1 
ATOM 101 C CG2  . ILE A 1 7  ? -4.343  6.029  1.979   1.00 0.00 ? 7  ILE A CG2  1 
ATOM 102 C CD1  . ILE A 1 7  ? -7.353  6.326  2.088   1.00 0.00 ? 7  ILE A CD1  1 
ATOM 103 H H    . ILE A 1 7  ? -5.890  2.179  2.004   1.00 0.00 ? 7  ILE A H    1 
ATOM 104 H HA   . ILE A 1 7  ? -4.414  3.966  0.163   1.00 0.00 ? 7  ILE A HA   1 
ATOM 105 H HB   . ILE A 1 7  ? -5.381  4.464  3.018   1.00 0.00 ? 7  ILE A HB   1 
ATOM 106 H HG12 . ILE A 1 7  ? -6.573  5.344  0.345   1.00 0.00 ? 7  ILE A HG12 1 
ATOM 107 H HG13 . ILE A 1 7  ? -7.313  4.276  1.539   1.00 0.00 ? 7  ILE A HG13 1 
ATOM 108 H HG21 . ILE A 1 7  ? -4.752  6.803  2.627   1.00 0.00 ? 7  ILE A HG21 1 
ATOM 109 H HG22 . ILE A 1 7  ? -3.354  5.783  2.366   1.00 0.00 ? 7  ILE A HG22 1 
ATOM 110 H HG23 . ILE A 1 7  ? -4.243  6.421  0.966   1.00 0.00 ? 7  ILE A HG23 1 
ATOM 111 H HD11 . ILE A 1 7  ? -6.866  7.261  1.812   1.00 0.00 ? 7  ILE A HD11 1 
ATOM 112 H HD12 . ILE A 1 7  ? -8.393  6.365  1.761   1.00 0.00 ? 7  ILE A HD12 1 
ATOM 113 H HD13 . ILE A 1 7  ? -7.328  6.208  3.172   1.00 0.00 ? 7  ILE A HD13 1 
ATOM 114 N N    . LEU A 1 8  ? -3.235  2.320  2.785   1.00 0.00 ? 8  LEU A N    1 
ATOM 115 C CA   . LEU A 1 8  ? -2.047  1.757  3.369   1.00 0.00 ? 8  LEU A CA   1 
ATOM 116 C C    . LEU A 1 8  ? -1.641  0.565  2.525   1.00 0.00 ? 8  LEU A C    1 
ATOM 117 O O    . LEU A 1 8  ? -0.975  0.755  1.523   1.00 0.00 ? 8  LEU A O    1 
ATOM 118 C CB   . LEU A 1 8  ? -2.296  1.358  4.838   1.00 0.00 ? 8  LEU A CB   1 
ATOM 119 C CG   . LEU A 1 8  ? -2.071  2.497  5.835   1.00 0.00 ? 8  LEU A CG   1 
ATOM 120 C CD1  . LEU A 1 8  ? -3.022  3.686  5.652   1.00 0.00 ? 8  LEU A CD1  1 
ATOM 121 C CD2  . LEU A 1 8  ? -2.194  1.961  7.267   1.00 0.00 ? 8  LEU A CD2  1 
ATOM 122 H H    . LEU A 1 8  ? -4.073  1.979  3.207   1.00 0.00 ? 8  LEU A H    1 
ATOM 123 H HA   . LEU A 1 8  ? -1.255  2.500  3.302   1.00 0.00 ? 8  LEU A HA   1 
ATOM 124 H HB2  . LEU A 1 8  ? -3.299  0.947  4.947   1.00 0.00 ? 8  LEU A HB2  1 
ATOM 125 H HB3  . LEU A 1 8  ? -1.579  0.575  5.094   1.00 0.00 ? 8  LEU A HB3  1 
ATOM 126 H HG   . LEU A 1 8  ? -1.050  2.825  5.677   1.00 0.00 ? 8  LEU A HG   1 
ATOM 127 H HD11 . LEU A 1 8  ? -2.852  4.420  6.440   1.00 0.00 ? 8  LEU A HD11 1 
ATOM 128 H HD12 . LEU A 1 8  ? -2.836  4.174  4.697   1.00 0.00 ? 8  LEU A HD12 1 
ATOM 129 H HD13 . LEU A 1 8  ? -4.060  3.352  5.693   1.00 0.00 ? 8  LEU A HD13 1 
ATOM 130 H HD21 . LEU A 1 8  ? -1.485  1.148  7.426   1.00 0.00 ? 8  LEU A HD21 1 
ATOM 131 H HD22 . LEU A 1 8  ? -1.967  2.756  7.979   1.00 0.00 ? 8  LEU A HD22 1 
ATOM 132 H HD23 . LEU A 1 8  ? -3.205  1.599  7.450   1.00 0.00 ? 8  LEU A HD23 1 
ATOM 133 N N    . GLY A 1 9  ? -2.039  -0.645 2.911   1.00 0.00 ? 9  GLY A N    1 
ATOM 134 C CA   . GLY A 1 9  ? -1.568  -1.927 2.415   1.00 0.00 ? 9  GLY A CA   1 
ATOM 135 C C    . GLY A 1 9  ? -1.661  -2.129 0.907   1.00 0.00 ? 9  GLY A C    1 
ATOM 136 O O    . GLY A 1 9  ? -1.112  -3.114 0.424   1.00 0.00 ? 9  GLY A O    1 
ATOM 137 H H    . GLY A 1 9  ? -2.624  -0.650 3.722   1.00 0.00 ? 9  GLY A H    1 
ATOM 138 H HA2  . GLY A 1 9  ? -0.520  -2.028 2.696   1.00 0.00 ? 9  GLY A HA2  1 
ATOM 139 H HA3  . GLY A 1 9  ? -2.136  -2.717 2.899   1.00 0.00 ? 9  GLY A HA3  1 
ATOM 140 N N    . ARG A 1 10 ? -2.304  -1.226 0.156   1.00 0.00 ? 10 ARG A N    1 
ATOM 141 C CA   . ARG A 1 10 ? -2.068  -1.096 -1.268  1.00 0.00 ? 10 ARG A CA   1 
ATOM 142 C C    . ARG A 1 10 ? -0.844  -0.216 -1.559  1.00 0.00 ? 10 ARG A C    1 
ATOM 143 O O    . ARG A 1 10 ? 0.118   -0.698 -2.160  1.00 0.00 ? 10 ARG A O    1 
ATOM 144 C CB   . ARG A 1 10 ? -3.315  -0.553 -1.970  1.00 0.00 ? 10 ARG A CB   1 
ATOM 145 C CG   . ARG A 1 10 ? -3.119  -0.565 -3.495  1.00 0.00 ? 10 ARG A CG   1 
ATOM 146 C CD   . ARG A 1 10 ? -4.126  0.356  -4.214  1.00 0.00 ? 10 ARG A CD   1 
ATOM 147 N NE   . ARG A 1 10 ? -3.471  1.566  -4.752  1.00 0.00 ? 10 ARG A NE   1 
ATOM 148 C CZ   . ARG A 1 10 ? -2.984  2.601  -4.051  1.00 0.00 ? 10 ARG A CZ   1 
ATOM 149 N NH1  . ARG A 1 10 ? -3.313  2.804  -2.779  1.00 0.00 ? 10 ARG A NH1  1 
ATOM 150 N NH2  . ARG A 1 10 ? -2.130  3.449  -4.623  1.00 0.00 ? 10 ARG A NH2  1 
ATOM 151 H H    . ARG A 1 10 ? -2.857  -0.519 0.637   1.00 0.00 ? 10 ARG A H    1 
ATOM 152 H HA   . ARG A 1 10 ? -1.868  -2.101 -1.621  1.00 0.00 ? 10 ARG A HA   1 
ATOM 153 H HB2  . ARG A 1 10 ? -4.182  -1.165 -1.716  1.00 0.00 ? 10 ARG A HB2  1 
ATOM 154 H HB3  . ARG A 1 10 ? -3.490  0.457  -1.618  1.00 0.00 ? 10 ARG A HB3  1 
ATOM 155 H HG2  . ARG A 1 10 ? -2.101  -0.264 -3.754  1.00 0.00 ? 10 ARG A HG2  1 
ATOM 156 H HG3  . ARG A 1 10 ? -3.227  -1.595 -3.837  1.00 0.00 ? 10 ARG A HG3  1 
ATOM 157 H HD2  . ARG A 1 10 ? -4.554  -0.195 -5.052  1.00 0.00 ? 10 ARG A HD2  1 
ATOM 158 H HD3  . ARG A 1 10 ? -4.942  0.633  -3.544  1.00 0.00 ? 10 ARG A HD3  1 
ATOM 159 H HE   . ARG A 1 10 ? -3.269  1.519  -5.741  1.00 0.00 ? 10 ARG A HE   1 
ATOM 160 H HH11 . ARG A 1 10 ? -4.099  2.329  -2.318  1.00 0.00 ? 10 ARG A HH11 1 
ATOM 161 H HH12 . ARG A 1 10 ? -2.734  3.401  -2.182  1.00 0.00 ? 10 ARG A HH12 1 
ATOM 162 H HH21 . ARG A 1 10 ? -1.842  3.347  -5.586  1.00 0.00 ? 10 ARG A HH21 1 
ATOM 163 H HH22 . ARG A 1 10 ? -1.773  4.239  -4.105  1.00 0.00 ? 10 ARG A HH22 1 
ATOM 164 N N    . THR A 1 11 ? -0.871  1.072  -1.189  1.00 0.00 ? 11 THR A N    1 
ATOM 165 C CA   . THR A 1 11 ? 0.203   2.013  -1.501  1.00 0.00 ? 11 THR A CA   1 
ATOM 166 C C    . THR A 1 11 ? 1.504   1.497  -0.909  1.00 0.00 ? 11 THR A C    1 
ATOM 167 O O    . THR A 1 11 ? 2.525   1.477  -1.587  1.00 0.00 ? 11 THR A O    1 
ATOM 168 C CB   . THR A 1 11 ? -0.067  3.397  -0.899  1.00 0.00 ? 11 THR A CB   1 
ATOM 169 O OG1  . THR A 1 11 ? -1.419  3.772  -1.054  1.00 0.00 ? 11 THR A OG1  1 
ATOM 170 C CG2  . THR A 1 11 ? 0.799   4.489  -1.534  1.00 0.00 ? 11 THR A CG2  1 
ATOM 171 H H    . THR A 1 11 ? -1.553  1.383  -0.503  1.00 0.00 ? 11 THR A H    1 
ATOM 172 H HA   . THR A 1 11 ? 0.303   2.094  -2.584  1.00 0.00 ? 11 THR A HA   1 
ATOM 173 H HB   . THR A 1 11 ? 0.162   3.330  0.171   1.00 0.00 ? 11 THR A HB   1 
ATOM 174 H HG1  . THR A 1 11 ? -1.762  3.811  -0.115  1.00 0.00 ? 11 THR A HG1  1 
ATOM 175 H HG21 . THR A 1 11 ? 0.569   5.451  -1.077  1.00 0.00 ? 11 THR A HG21 1 
ATOM 176 H HG22 . THR A 1 11 ? 1.855   4.271  -1.372  1.00 0.00 ? 11 THR A HG22 1 
ATOM 177 H HG23 . THR A 1 11 ? 0.606   4.547  -2.606  1.00 0.00 ? 11 THR A HG23 1 
ATOM 178 N N    . LEU A 1 12 ? 1.454   1.029  0.341   1.00 0.00 ? 12 LEU A N    1 
ATOM 179 C CA   . LEU A 1 12 ? 2.600   0.529  1.062   1.00 0.00 ? 12 LEU A CA   1 
ATOM 180 C C    . LEU A 1 12 ? 3.153   -0.738 0.389   1.00 0.00 ? 12 LEU A C    1 
ATOM 181 O O    . LEU A 1 12 ? 4.328   -1.044 0.551   1.00 0.00 ? 12 LEU A O    1 
ATOM 182 C CB   . LEU A 1 12 ? 2.217   0.241  2.531   1.00 0.00 ? 12 LEU A CB   1 
ATOM 183 C CG   . LEU A 1 12 ? 1.636   1.408  3.373   1.00 0.00 ? 12 LEU A CG   1 
ATOM 184 C CD1  . LEU A 1 12 ? 1.545   0.960  4.838   1.00 0.00 ? 12 LEU A CD1  1 
ATOM 185 C CD2  . LEU A 1 12 ? 2.492   2.678  3.288   1.00 0.00 ? 12 LEU A CD2  1 
ATOM 186 H H    . LEU A 1 12 ? 0.558   0.993  0.827   1.00 0.00 ? 12 LEU A H    1 
ATOM 187 H HA   . LEU A 1 12 ? 3.359   1.310  1.035   1.00 0.00 ? 12 LEU A HA   1 
ATOM 188 H HB2  . LEU A 1 12 ? 1.499   -0.580 2.544   1.00 0.00 ? 12 LEU A HB2  1 
ATOM 189 H HB3  . LEU A 1 12 ? 3.122   -0.117 3.027   1.00 0.00 ? 12 LEU A HB3  1 
ATOM 190 H HG   . LEU A 1 12 ? 0.615   1.660  3.060   1.00 0.00 ? 12 LEU A HG   1 
ATOM 191 H HD11 . LEU A 1 12 ? 1.107   1.753  5.443   1.00 0.00 ? 12 LEU A HD11 1 
ATOM 192 H HD12 . LEU A 1 12 ? 0.920   0.071  4.916   1.00 0.00 ? 12 LEU A HD12 1 
ATOM 193 H HD13 . LEU A 1 12 ? 2.539   0.732  5.226   1.00 0.00 ? 12 LEU A HD13 1 
ATOM 194 H HD21 . LEU A 1 12 ? 2.474   3.076  2.274   1.00 0.00 ? 12 LEU A HD21 1 
ATOM 195 H HD22 . LEU A 1 12 ? 2.092   3.440  3.957   1.00 0.00 ? 12 LEU A HD22 1 
ATOM 196 H HD23 . LEU A 1 12 ? 3.523   2.459  3.572   1.00 0.00 ? 12 LEU A HD23 1 
ATOM 197 N N    . LYS A 1 13 ? 2.344   -1.458 -0.402  1.00 0.00 ? 13 LYS A N    1 
ATOM 198 C CA   . LYS A 1 13 ? 2.734   -2.702 -1.066  1.00 0.00 ? 13 LYS A CA   1 
ATOM 199 C C    . LYS A 1 13 ? 3.421   -2.363 -2.370  1.00 0.00 ? 13 LYS A C    1 
ATOM 200 O O    . LYS A 1 13 ? 4.454   -2.941 -2.691  1.00 0.00 ? 13 LYS A O    1 
ATOM 201 C CB   . LYS A 1 13 ? 1.496   -3.593 -1.290  1.00 0.00 ? 13 LYS A CB   1 
ATOM 202 C CG   . LYS A 1 13 ? 1.441   -4.340 -2.639  1.00 0.00 ? 13 LYS A CG   1 
ATOM 203 C CD   . LYS A 1 13 ? 0.505   -5.547 -2.567  1.00 0.00 ? 13 LYS A CD   1 
ATOM 204 C CE   . LYS A 1 13 ? 0.364   -6.267 -3.914  1.00 0.00 ? 13 LYS A CE   1 
ATOM 205 N NZ   . LYS A 1 13 ? -0.332  -5.448 -4.926  1.00 0.00 ? 13 LYS A NZ   1 
ATOM 206 H H    . LYS A 1 13 ? 1.510   -0.998 -0.759  1.00 0.00 ? 13 LYS A H    1 
ATOM 207 H HA   . LYS A 1 13 ? 3.445   -3.243 -0.442  1.00 0.00 ? 13 LYS A HA   1 
ATOM 208 H HB2  . LYS A 1 13 ? 1.444   -4.301 -0.461  1.00 0.00 ? 13 LYS A HB2  1 
ATOM 209 H HB3  . LYS A 1 13 ? 0.606   -2.975 -1.250  1.00 0.00 ? 13 LYS A HB3  1 
ATOM 210 H HG2  . LYS A 1 13 ? 1.088   -3.641 -3.403  1.00 0.00 ? 13 LYS A HG2  1 
ATOM 211 H HG3  . LYS A 1 13 ? 2.430   -4.699 -2.918  1.00 0.00 ? 13 LYS A HG3  1 
ATOM 212 H HD2  . LYS A 1 13 ? 0.926   -6.255 -1.851  1.00 0.00 ? 13 LYS A HD2  1 
ATOM 213 H HD3  . LYS A 1 13 ? -0.474  -5.226 -2.216  1.00 0.00 ? 13 LYS A HD3  1 
ATOM 214 H HE2  . LYS A 1 13 ? 1.358   -6.533 -4.281  1.00 0.00 ? 13 LYS A HE2  1 
ATOM 215 H HE3  . LYS A 1 13 ? -0.198  -7.190 -3.759  1.00 0.00 ? 13 LYS A HE3  1 
ATOM 216 H HZ1  . LYS A 1 13 ? -1.266  -5.219 -4.615  1.00 0.00 ? 13 LYS A HZ1  1 
ATOM 217 H HZ2  . LYS A 1 13 ? 0.188   -4.600 -5.109  1.00 0.00 ? 13 LYS A HZ2  1 
ATOM 218 N N    . ALA A 1 14 ? 2.838   -1.415 -3.100  1.00 0.00 ? 14 ALA A N    1 
ATOM 219 C CA   . ALA A 1 14 ? 3.426   -0.862 -4.296  1.00 0.00 ? 14 ALA A CA   1 
ATOM 220 C C    . ALA A 1 14 ? 4.759   -0.254 -3.890  1.00 0.00 ? 14 ALA A C    1 
ATOM 221 O O    . ALA A 1 14 ? 5.769   -0.583 -4.488  1.00 0.00 ? 14 ALA A O    1 
ATOM 222 C CB   . ALA A 1 14 ? 2.468   0.150  -4.925  1.00 0.00 ? 14 ALA A CB   1 
ATOM 223 H H    . ALA A 1 14 ? 2.059   -0.940 -2.674  1.00 0.00 ? 14 ALA A H    1 
ATOM 224 H HA   . ALA A 1 14 ? 3.612   -1.666 -5.011  1.00 0.00 ? 14 ALA A HA   1 
ATOM 225 H HB1  . ALA A 1 14 ? 2.922   0.552  -5.831  1.00 0.00 ? 14 ALA A HB1  1 
ATOM 226 H HB2  . ALA A 1 14 ? 1.534   -0.349 -5.185  1.00 0.00 ? 14 ALA A HB2  1 
ATOM 227 H HB3  . ALA A 1 14 ? 2.264   0.962  -4.227  1.00 0.00 ? 14 ALA A HB3  1 
ATOM 228 N N    . SER A 1 15 ? 4.794   0.504  -2.787  1.00 0.00 ? 15 SER A N    1 
ATOM 229 C CA   . SER A 1 15 ? 6.035   1.057  -2.255  1.00 0.00 ? 15 SER A CA   1 
ATOM 230 C C    . SER A 1 15 ? 7.021   -0.074 -1.963  1.00 0.00 ? 15 SER A C    1 
ATOM 231 O O    . SER A 1 15 ? 8.174   0.000  -2.384  1.00 0.00 ? 15 SER A O    1 
ATOM 232 C CB   . SER A 1 15 ? 5.739   1.863  -0.984  1.00 0.00 ? 15 SER A CB   1 
ATOM 233 O OG   . SER A 1 15 ? 6.813   2.724  -0.666  1.00 0.00 ? 15 SER A OG   1 
ATOM 234 H H    . SER A 1 15 ? 3.914   0.654  -2.281  1.00 0.00 ? 15 SER A H    1 
ATOM 235 H HA   . SER A 1 15 ? 6.471   1.713  -3.017  1.00 0.00 ? 15 SER A HA   1 
ATOM 236 H HB2  . SER A 1 15 ? 4.847   2.470  -1.138  1.00 0.00 ? 15 SER A HB2  1 
ATOM 237 H HB3  . SER A 1 15 ? 5.553   1.181  -0.152  1.00 0.00 ? 15 SER A HB3  1 
ATOM 238 H HG   . SER A 1 15 ? 7.628   2.217  -0.606  1.00 0.00 ? 15 SER A HG   1 
ATOM 239 N N    . MET A 1 16 ? 6.571   -1.145 -1.298  1.00 0.00 ? 16 MET A N    1 
ATOM 240 C CA   . MET A 1 16 ? 7.438   -2.284 -0.978  1.00 0.00 ? 16 MET A CA   1 
ATOM 241 C C    . MET A 1 16 ? 7.849   -3.099 -2.218  1.00 0.00 ? 16 MET A C    1 
ATOM 242 O O    . MET A 1 16 ? 8.678   -4.000 -2.097  1.00 0.00 ? 16 MET A O    1 
ATOM 243 C CB   . MET A 1 16 ? 6.780   -3.169 0.092   1.00 0.00 ? 16 MET A CB   1 
ATOM 244 C CG   . MET A 1 16 ? 6.991   -2.594 1.499   1.00 0.00 ? 16 MET A CG   1 
ATOM 245 S SD   . MET A 1 16 ? 6.395   -3.640 2.859   1.00 0.00 ? 16 MET A SD   1 
ATOM 246 C CE   . MET A 1 16 ? 4.601   -3.482 2.664   1.00 0.00 ? 16 MET A CE   1 
ATOM 247 H H    . MET A 1 16 ? 5.581   -1.187 -1.042  1.00 0.00 ? 16 MET A H    1 
ATOM 248 H HA   . MET A 1 16 ? 8.367   -1.894 -0.562  1.00 0.00 ? 16 MET A HA   1 
ATOM 249 H HB2  . MET A 1 16 ? 5.716   -3.274 -0.120  1.00 0.00 ? 16 MET A HB2  1 
ATOM 250 H HB3  . MET A 1 16 ? 7.236   -4.157 0.070   1.00 0.00 ? 16 MET A HB3  1 
ATOM 251 H HG2  . MET A 1 16 ? 8.061   -2.452 1.646   1.00 0.00 ? 16 MET A HG2  1 
ATOM 252 H HG3  . MET A 1 16 ? 6.518   -1.615 1.571   1.00 0.00 ? 16 MET A HG3  1 
ATOM 253 H HE1  . MET A 1 16 ? 4.303   -3.839 1.679   1.00 0.00 ? 16 MET A HE1  1 
ATOM 254 H HE2  . MET A 1 16 ? 4.103   -4.078 3.428   1.00 0.00 ? 16 MET A HE2  1 
ATOM 255 H HE3  . MET A 1 16 ? 4.314   -2.438 2.777   1.00 0.00 ? 16 MET A HE3  1 
ATOM 256 N N    . ARG A 1 17 ? 7.326   -2.775 -3.406  1.00 0.00 ? 17 ARG A N    1 
ATOM 257 C CA   . ARG A 1 17 ? 7.675   -3.374 -4.688  1.00 0.00 ? 17 ARG A CA   1 
ATOM 258 C C    . ARG A 1 17 ? 8.309   -2.329 -5.636  1.00 0.00 ? 17 ARG A C    1 
ATOM 259 O O    . ARG A 1 17 ? 8.758   -2.694 -6.719  1.00 0.00 ? 17 ARG A O    1 
ATOM 260 C CB   . ARG A 1 17 ? 6.412   -4.100 -5.209  1.00 0.00 ? 17 ARG A CB   1 
ATOM 261 C CG   . ARG A 1 17 ? 6.622   -4.900 -6.507  1.00 0.00 ? 17 ARG A CG   1 
ATOM 262 C CD   . ARG A 1 17 ? 6.229   -4.092 -7.752  1.00 0.00 ? 17 ARG A CD   1 
ATOM 263 N NE   . ARG A 1 17 ? 7.173   -4.304 -8.867  1.00 0.00 ? 17 ARG A NE   1 
ATOM 264 C CZ   . ARG A 1 17 ? 7.698   -3.332 -9.631  1.00 0.00 ? 17 ARG A CZ   1 
ATOM 265 N NH1  . ARG A 1 17 ? 7.235   -2.090 -9.574  1.00 0.00 ? 17 ARG A NH1  1 
ATOM 266 N NH2  . ARG A 1 17 ? 8.692   -3.608 -10.473 1.00 0.00 ? 17 ARG A NH2  1 
ATOM 267 H H    . ARG A 1 17 ? 6.604   -2.060 -3.441  1.00 0.00 ? 17 ARG A H    1 
ATOM 268 H HA   . ARG A 1 17 ? 8.443   -4.130 -4.513  1.00 0.00 ? 17 ARG A HA   1 
ATOM 269 H HB2  . ARG A 1 17 ? 6.091   -4.808 -4.439  1.00 0.00 ? 17 ARG A HB2  1 
ATOM 270 H HB3  . ARG A 1 17 ? 5.587   -3.393 -5.330  1.00 0.00 ? 17 ARG A HB3  1 
ATOM 271 H HG2  . ARG A 1 17 ? 7.665   -5.218 -6.566  1.00 0.00 ? 17 ARG A HG2  1 
ATOM 272 H HG3  . ARG A 1 17 ? 6.002   -5.798 -6.477  1.00 0.00 ? 17 ARG A HG3  1 
ATOM 273 H HD2  . ARG A 1 17 ? 5.223   -4.375 -8.065  1.00 0.00 ? 17 ARG A HD2  1 
ATOM 274 H HD3  . ARG A 1 17 ? 6.212   -3.038 -7.482  1.00 0.00 ? 17 ARG A HD3  1 
ATOM 275 H HE   . ARG A 1 17 ? 7.540   -5.238 -8.946  1.00 0.00 ? 17 ARG A HE   1 
ATOM 276 H HH11 . ARG A 1 17 ? 6.560   -1.788 -8.847  1.00 0.00 ? 17 ARG A HH11 1 
ATOM 277 H HH12 . ARG A 1 17 ? 7.718   -1.235 -9.859  1.00 0.00 ? 17 ARG A HH12 1 
ATOM 278 H HH21 . ARG A 1 17 ? 9.107   -4.525 -10.520 1.00 0.00 ? 17 ARG A HH21 1 
ATOM 279 H HH22 . ARG A 1 17 ? 9.082   -2.868 -11.036 1.00 0.00 ? 17 ARG A HH22 1 
ATOM 280 N N    . GLU A 1 18 ? 8.419   -1.061 -5.219  1.00 0.00 ? 18 GLU A N    1 
ATOM 281 C CA   . GLU A 1 18 ? 9.009   0.048  -5.957  1.00 0.00 ? 18 GLU A CA   1 
ATOM 282 C C    . GLU A 1 18 ? 10.358  0.407  -5.341  1.00 0.00 ? 18 GLU A C    1 
ATOM 283 O O    . GLU A 1 18 ? 11.261  0.840  -6.055  1.00 0.00 ? 18 GLU A O    1 
ATOM 284 C CB   . GLU A 1 18 ? 8.090   1.290  -5.856  1.00 0.00 ? 18 GLU A CB   1 
ATOM 285 C CG   . GLU A 1 18 ? 6.850   1.382  -6.772  1.00 0.00 ? 18 GLU A CG   1 
ATOM 286 C CD   . GLU A 1 18 ? 6.788   0.343  -7.894  1.00 0.00 ? 18 GLU A CD   1 
ATOM 287 O OE1  . GLU A 1 18 ? 7.573   0.466  -8.865  1.00 0.00 ? 18 GLU A OE1  1 
ATOM 288 O OE2  . GLU A 1 18 ? 5.967   -0.603 -7.802  1.00 0.00 ? 18 GLU A OE2  1 
ATOM 289 H H    . GLU A 1 18 ? 8.091   -0.809 -4.295  1.00 0.00 ? 18 GLU A H    1 
ATOM 290 H HA   . GLU A 1 18 ? 9.175   -0.223 -7.001  1.00 0.00 ? 18 GLU A HA   1 
ATOM 291 H HB2  . GLU A 1 18 ? 7.766   1.394  -4.821  1.00 0.00 ? 18 GLU A HB2  1 
ATOM 292 H HB3  . GLU A 1 18 ? 8.691   2.178  -6.038  1.00 0.00 ? 18 GLU A HB3  1 
ATOM 293 H HG2  . GLU A 1 18 ? 5.947   1.310  -6.166  1.00 0.00 ? 18 GLU A HG2  1 
ATOM 294 H HG3  . GLU A 1 18 ? 6.831   2.377  -7.222  1.00 0.00 ? 18 GLU A HG3  1 
ATOM 295 N N    . LEU A 1 19 ? 10.483  0.274  -4.013  1.00 0.00 ? 19 LEU A N    1 
ATOM 296 C CA   . LEU A 1 19 ? 11.663  0.699  -3.287  1.00 0.00 ? 19 LEU A CA   1 
ATOM 297 C C    . LEU A 1 19 ? 12.878  -0.160 -3.648  1.00 0.00 ? 19 LEU A C    1 
ATOM 298 O O    . LEU A 1 19 ? 12.765  -1.365 -3.879  1.00 0.00 ? 19 LEU A O    1 
ATOM 299 C CB   . LEU A 1 19 ? 11.407  0.667  -1.768  1.00 0.00 ? 19 LEU A CB   1 
ATOM 300 C CG   . LEU A 1 19 ? 10.579  1.864  -1.254  1.00 0.00 ? 19 LEU A CG   1 
ATOM 301 C CD1  . LEU A 1 19 ? 10.059  1.570  0.160   1.00 0.00 ? 19 LEU A CD1  1 
ATOM 302 C CD2  . LEU A 1 19 ? 11.403  3.160  -1.225  1.00 0.00 ? 19 LEU A CD2  1 
ATOM 303 H H    . LEU A 1 19 ? 9.690   -0.049 -3.467  1.00 0.00 ? 19 LEU A H    1 
ATOM 304 H HA   . LEU A 1 19 ? 11.852  1.718  -3.605  1.00 0.00 ? 19 LEU A HA   1 
ATOM 305 H HB2  . LEU A 1 19 ? 10.899  -0.268 -1.524  1.00 0.00 ? 19 LEU A HB2  1 
ATOM 306 H HB3  . LEU A 1 19 ? 12.365  0.662  -1.245  1.00 0.00 ? 19 LEU A HB3  1 
ATOM 307 H HG   . LEU A 1 19 ? 9.718   2.023  -1.905  1.00 0.00 ? 19 LEU A HG   1 
ATOM 308 H HD11 . LEU A 1 19 ? 10.898  1.383  0.832   1.00 0.00 ? 19 LEU A HD11 1 
ATOM 309 H HD12 . LEU A 1 19 ? 9.490   2.419  0.536   1.00 0.00 ? 19 LEU A HD12 1 
ATOM 310 H HD13 . LEU A 1 19 ? 9.418   0.686  0.142   1.00 0.00 ? 19 LEU A HD13 1 
ATOM 311 H HD21 . LEU A 1 19 ? 12.280  3.037  -0.590  1.00 0.00 ? 19 LEU A HD21 1 
ATOM 312 H HD22 . LEU A 1 19 ? 11.727  3.427  -2.230  1.00 0.00 ? 19 LEU A HD22 1 
ATOM 313 H HD23 . LEU A 1 19 ? 10.793  3.977  -0.838  1.00 0.00 ? 19 LEU A HD23 1 
ATOM 314 N N    . GLY A 1 20 ? 14.049  0.474  -3.616  1.00 0.00 ? 20 GLY A N    1 
ATOM 315 C CA   . GLY A 1 20 ? 15.371  -0.088 -3.808  1.00 0.00 ? 20 GLY A CA   1 
ATOM 316 C C    . GLY A 1 20 ? 16.386  0.990  -3.444  1.00 0.00 ? 20 GLY A C    1 
ATOM 317 O O    . GLY A 1 20 ? 15.931  2.111  -3.111  1.00 0.00 ? 20 GLY A O    1 
ATOM 318 H H    . GLY A 1 20 ? 14.124  1.464  -3.392  1.00 0.00 ? 20 GLY A H    1 
ATOM 319 H HA2  . GLY A 1 20 ? 15.509  -0.953 -3.159  1.00 0.00 ? 20 GLY A HA2  1 
ATOM 320 H HA3  . GLY A 1 20 ? 15.505  -0.379 -4.849  1.00 0.00 ? 20 GLY A HA3  1 
# 
